data_6D1Z
#
_entry.id   6D1Z
#
_cell.length_a   113.150
_cell.length_b   45.660
_cell.length_c   78.880
_cell.angle_alpha   90.000
_cell.angle_beta   126.880
_cell.angle_gamma   90.000
#
_symmetry.space_group_name_H-M   'C 1 2 1'
#
loop_
_entity.id
_entity.type
_entity.pdbx_description
1 polymer 'High affinity nerve growth factor receptor'
2 non-polymer 5-(4-fluorophenyl)thieno[2,3-d]pyrimidin-4(3H)-one
3 non-polymer GLYCEROL
4 non-polymer 5-{[5-(6-aminopyridin-2-yl)-2-chlorobenzene-1-carbonyl]amino}-1-phenyl-1H-pyrazole-3-carboxamide
5 water water
#
_entity_poly.entity_id   1
_entity_poly.type   'polypeptide(L)'
_entity_poly.pdbx_seq_one_letter_code
;GSTEGKGSGLQGHIIENPQYFSDACVHHIKRRDIVLKWELGEGAFGKVFLAECHNLLPEQDKMLVAVKALKEASESARQD
FQREAELLTMLQHQHIVRFFGVCTEGRPLLMVFEYMRHGDLNRFLRSHGPDAKLLAGGEDVAPGPLGLGQLLAVASQVAA
GMVYLAGLHFVHRDLATRNCLVGQGLVVKIGDFGMSRDIYSTDYYRVGGRTMLPIRWMPPESILYRKFTTESDVWSFGVV
LWEIFTYGKQPWYQLSNTEAIDCITQGRELERPRACPPEVYAIMRGCWQREPQQRHSIKDVHARLQALAQAPPVYLDVLG
;
_entity_poly.pdbx_strand_id   A
#
# COMPACT_ATOMS: atom_id res chain seq x y z
N GLY A 7 3.90 14.86 0.84
CA GLY A 7 4.60 13.99 -0.11
C GLY A 7 3.82 12.75 -0.51
N SER A 8 2.49 12.76 -0.29
CA SER A 8 1.60 11.63 -0.64
C SER A 8 1.41 11.51 -2.13
N GLY A 9 1.09 10.30 -2.58
CA GLY A 9 0.79 10.06 -3.99
C GLY A 9 -0.48 10.79 -4.39
N LEU A 10 -1.47 10.89 -3.46
CA LEU A 10 -2.71 11.61 -3.72
C LEU A 10 -2.41 13.06 -4.07
N GLN A 11 -1.60 13.75 -3.24
CA GLN A 11 -1.20 15.14 -3.48
C GLN A 11 -0.30 15.26 -4.70
N GLY A 12 0.55 14.28 -4.94
CA GLY A 12 1.42 14.24 -6.12
C GLY A 12 0.63 14.24 -7.42
N HIS A 13 -0.47 13.48 -7.45
CA HIS A 13 -1.37 13.33 -8.61
C HIS A 13 -2.27 14.54 -8.79
N ILE A 14 -2.72 15.16 -7.68
CA ILE A 14 -3.57 16.36 -7.67
C ILE A 14 -2.87 17.50 -8.45
N ILE A 15 -1.59 17.78 -8.11
CA ILE A 15 -0.79 18.83 -8.76
C ILE A 15 -0.37 18.41 -10.18
N GLU A 16 0.38 17.29 -10.31
CA GLU A 16 0.91 16.79 -11.58
C GLU A 16 -0.18 16.20 -12.46
N CYS A 25 -19.02 14.31 -7.51
CA CYS A 25 -19.37 14.98 -6.27
C CYS A 25 -18.91 14.16 -5.05
N VAL A 26 -18.26 14.80 -4.08
CA VAL A 26 -17.80 14.09 -2.87
C VAL A 26 -19.02 13.79 -2.00
N HIS A 27 -19.18 12.54 -1.54
CA HIS A 27 -20.33 12.21 -0.68
C HIS A 27 -20.13 12.78 0.72
N HIS A 28 -21.18 13.39 1.30
CA HIS A 28 -21.07 13.91 2.67
C HIS A 28 -21.90 13.06 3.62
N ILE A 29 -21.29 12.65 4.72
CA ILE A 29 -21.92 11.82 5.75
C ILE A 29 -22.18 12.68 6.97
N LYS A 30 -23.38 12.58 7.54
CA LYS A 30 -23.77 13.35 8.73
C LYS A 30 -22.95 12.84 9.91
N ARG A 31 -22.40 13.76 10.74
CA ARG A 31 -21.64 13.36 11.93
C ARG A 31 -22.38 12.30 12.75
N ARG A 32 -23.67 12.52 13.01
CA ARG A 32 -24.48 11.60 13.84
C ARG A 32 -24.70 10.22 13.23
N ASP A 33 -24.38 10.04 11.93
CA ASP A 33 -24.46 8.72 11.31
C ASP A 33 -23.22 7.88 11.59
N ILE A 34 -22.17 8.49 12.19
CA ILE A 34 -20.91 7.83 12.51
C ILE A 34 -20.84 7.65 14.02
N VAL A 35 -20.59 6.42 14.46
CA VAL A 35 -20.46 6.08 15.89
C VAL A 35 -19.05 5.49 16.07
N LEU A 36 -18.15 6.27 16.66
CA LEU A 36 -16.75 5.87 16.90
C LEU A 36 -16.68 4.75 17.94
N LYS A 37 -16.00 3.65 17.58
CA LYS A 37 -15.95 2.43 18.40
C LYS A 37 -14.62 2.15 19.06
N TRP A 38 -13.50 2.45 18.39
CA TRP A 38 -12.15 2.19 18.91
C TRP A 38 -11.15 2.91 18.06
N GLU A 39 -9.99 3.22 18.63
CA GLU A 39 -8.90 3.86 17.90
C GLU A 39 -8.03 2.72 17.31
N LEU A 40 -7.81 2.77 15.99
CA LEU A 40 -7.02 1.77 15.25
C LEU A 40 -5.57 2.22 15.14
N GLY A 41 -5.34 3.52 15.13
CA GLY A 41 -3.98 4.06 15.05
C GLY A 41 -3.95 5.56 15.07
N GLU A 42 -2.73 6.12 15.08
CA GLU A 42 -2.51 7.56 15.09
C GLU A 42 -1.15 7.96 14.57
N GLY A 43 -1.13 9.18 14.09
CA GLY A 43 0.06 9.83 13.58
C GLY A 43 0.05 11.29 13.98
N ALA A 44 1.02 12.04 13.46
CA ALA A 44 1.17 13.48 13.71
C ALA A 44 -0.04 14.27 13.17
N PHE A 45 -0.61 13.83 12.03
CA PHE A 45 -1.77 14.45 11.34
C PHE A 45 -3.15 14.09 11.94
N GLY A 46 -3.23 13.13 12.86
CA GLY A 46 -4.50 12.74 13.45
C GLY A 46 -4.62 11.28 13.83
N LYS A 47 -5.87 10.78 13.89
CA LYS A 47 -6.17 9.41 14.32
C LYS A 47 -7.05 8.68 13.33
N VAL A 48 -7.08 7.35 13.46
CA VAL A 48 -7.92 6.46 12.68
C VAL A 48 -8.74 5.65 13.61
N PHE A 49 -10.07 5.69 13.42
CA PHE A 49 -11.00 4.97 14.26
C PHE A 49 -11.71 3.85 13.52
N LEU A 50 -12.10 2.83 14.26
CA LEU A 50 -13.04 1.81 13.83
C LEU A 50 -14.39 2.48 14.21
N ALA A 51 -15.35 2.49 13.30
CA ALA A 51 -16.65 3.10 13.56
C ALA A 51 -17.77 2.32 12.91
N GLU A 52 -18.98 2.58 13.38
CA GLU A 52 -20.20 2.07 12.77
C GLU A 52 -20.80 3.22 11.99
N CYS A 53 -21.20 2.98 10.74
CA CYS A 53 -21.80 4.01 9.93
C CYS A 53 -23.20 3.58 9.49
N HIS A 54 -24.19 4.41 9.86
CA HIS A 54 -25.61 4.19 9.53
C HIS A 54 -25.95 4.88 8.22
N ASN A 55 -26.95 4.35 7.50
CA ASN A 55 -27.52 4.88 6.25
C ASN A 55 -26.47 5.12 5.18
N LEU A 56 -25.52 4.18 5.06
CA LEU A 56 -24.45 4.29 4.08
C LEU A 56 -24.64 3.22 3.01
N LEU A 57 -24.67 1.94 3.39
CA LEU A 57 -24.86 0.88 2.40
C LEU A 57 -26.26 0.27 2.52
N PRO A 58 -26.88 -0.06 1.37
CA PRO A 58 -28.23 -0.66 1.38
C PRO A 58 -28.33 -1.97 2.18
N GLU A 59 -29.45 -2.21 2.90
CA GLU A 59 -29.67 -3.43 3.70
C GLU A 59 -28.72 -3.58 4.90
N GLN A 60 -27.84 -2.60 5.12
CA GLN A 60 -26.89 -2.59 6.24
C GLN A 60 -27.13 -1.36 7.08
N ASP A 61 -28.20 -1.40 7.92
CA ASP A 61 -28.59 -0.31 8.83
C ASP A 61 -27.41 0.15 9.67
N LYS A 62 -26.41 -0.73 9.79
CA LYS A 62 -25.17 -0.59 10.52
C LYS A 62 -24.09 -1.42 9.81
N MET A 63 -22.91 -0.79 9.58
CA MET A 63 -21.74 -1.42 8.95
C MET A 63 -20.47 -0.83 9.55
N LEU A 64 -19.39 -1.62 9.56
CA LEU A 64 -18.11 -1.15 10.08
C LEU A 64 -17.37 -0.37 9.03
N VAL A 65 -16.74 0.75 9.44
CA VAL A 65 -15.92 1.61 8.58
C VAL A 65 -14.66 2.00 9.36
N ALA A 66 -13.60 2.44 8.63
CA ALA A 66 -12.36 2.99 9.17
C ALA A 66 -12.49 4.50 8.95
N VAL A 67 -12.32 5.31 10.01
CA VAL A 67 -12.50 6.76 9.88
C VAL A 67 -11.20 7.49 10.15
N LYS A 68 -10.69 8.22 9.14
CA LYS A 68 -9.46 9.01 9.25
C LYS A 68 -9.89 10.40 9.74
N ALA A 69 -9.37 10.84 10.89
CA ALA A 69 -9.70 12.15 11.45
C ALA A 69 -8.47 13.08 11.38
N LEU A 70 -8.61 14.26 10.77
CA LEU A 70 -7.54 15.24 10.62
C LEU A 70 -7.49 16.15 11.81
N LYS A 71 -6.32 16.26 12.44
CA LYS A 71 -6.08 17.10 13.62
C LYS A 71 -6.22 18.59 13.29
N GLU A 72 -5.55 19.06 12.22
CA GLU A 72 -5.53 20.47 11.75
C GLU A 72 -6.79 20.85 10.94
N ALA A 73 -7.39 22.00 11.26
CA ALA A 73 -8.57 22.50 10.55
C ALA A 73 -8.37 23.86 9.85
N SER A 74 -7.11 24.23 9.55
CA SER A 74 -6.75 25.47 8.85
C SER A 74 -7.25 25.45 7.39
N GLU A 75 -7.34 26.64 6.75
CA GLU A 75 -7.78 26.81 5.37
C GLU A 75 -7.00 25.94 4.36
N SER A 76 -5.65 25.91 4.47
CA SER A 76 -4.82 25.11 3.56
C SER A 76 -4.99 23.59 3.78
N ALA A 77 -5.16 23.17 5.05
CA ALA A 77 -5.41 21.77 5.41
C ALA A 77 -6.76 21.35 4.87
N ARG A 78 -7.80 22.24 4.99
CA ARG A 78 -9.17 22.02 4.47
C ARG A 78 -9.21 21.92 2.96
N GLN A 79 -8.46 22.79 2.25
CA GLN A 79 -8.42 22.77 0.79
C GLN A 79 -7.71 21.52 0.29
N ASP A 80 -6.61 21.11 0.96
CA ASP A 80 -5.85 19.90 0.62
C ASP A 80 -6.74 18.65 0.83
N PHE A 81 -7.49 18.63 1.94
CA PHE A 81 -8.44 17.59 2.30
C PHE A 81 -9.48 17.40 1.20
N GLN A 82 -10.06 18.52 0.71
CA GLN A 82 -11.11 18.52 -0.32
C GLN A 82 -10.60 17.91 -1.61
N ARG A 83 -9.42 18.35 -2.06
CA ARG A 83 -8.81 17.85 -3.30
C ARG A 83 -8.52 16.35 -3.18
N GLU A 84 -8.01 15.90 -2.01
CA GLU A 84 -7.77 14.47 -1.75
C GLU A 84 -9.07 13.69 -1.79
N ALA A 85 -10.14 14.23 -1.17
CA ALA A 85 -11.46 13.59 -1.14
C ALA A 85 -12.03 13.46 -2.56
N GLU A 86 -11.83 14.50 -3.42
CA GLU A 86 -12.28 14.46 -4.82
C GLU A 86 -11.60 13.33 -5.59
N LEU A 87 -10.27 13.21 -5.41
CA LEU A 87 -9.48 12.18 -6.07
C LEU A 87 -9.84 10.77 -5.56
N LEU A 88 -10.02 10.63 -4.22
CA LEU A 88 -10.42 9.35 -3.60
C LEU A 88 -11.78 8.87 -4.13
N THR A 89 -12.71 9.81 -4.38
CA THR A 89 -14.05 9.49 -4.91
C THR A 89 -13.90 8.89 -6.32
N MET A 90 -12.97 9.43 -7.14
CA MET A 90 -12.66 9.01 -8.51
C MET A 90 -12.00 7.62 -8.58
N LEU A 91 -11.18 7.25 -7.57
CA LEU A 91 -10.48 5.96 -7.56
C LEU A 91 -11.45 4.83 -7.22
N GLN A 92 -11.83 4.05 -8.24
CA GLN A 92 -12.83 3.00 -8.09
C GLN A 92 -12.33 1.72 -8.73
N HIS A 93 -11.89 0.74 -7.91
CA HIS A 93 -11.35 -0.52 -8.43
C HIS A 93 -11.50 -1.59 -7.36
N GLN A 94 -11.62 -2.85 -7.79
CA GLN A 94 -11.74 -4.01 -6.90
C GLN A 94 -10.53 -4.11 -5.92
N HIS A 95 -9.36 -3.59 -6.32
CA HIS A 95 -8.16 -3.73 -5.49
C HIS A 95 -7.62 -2.39 -4.96
N ILE A 96 -8.53 -1.44 -4.81
CA ILE A 96 -8.31 -0.13 -4.21
C ILE A 96 -9.29 -0.02 -3.04
N VAL A 97 -8.80 0.38 -1.84
CA VAL A 97 -9.66 0.49 -0.64
C VAL A 97 -10.84 1.43 -0.93
N ARG A 98 -12.07 1.04 -0.59
CA ARG A 98 -13.26 1.82 -0.87
C ARG A 98 -13.34 3.06 0.00
N PHE A 99 -13.55 4.18 -0.65
CA PHE A 99 -13.75 5.48 -0.01
C PHE A 99 -15.25 5.83 -0.05
N PHE A 100 -15.86 6.06 1.13
CA PHE A 100 -17.29 6.32 1.24
C PHE A 100 -17.73 7.78 1.34
N GLY A 101 -16.81 8.67 1.66
CA GLY A 101 -17.15 10.08 1.79
C GLY A 101 -16.51 10.78 2.97
N VAL A 102 -16.93 12.03 3.18
CA VAL A 102 -16.38 12.91 4.22
C VAL A 102 -17.42 13.36 5.23
N CYS A 103 -16.92 13.97 6.29
CA CYS A 103 -17.75 14.68 7.25
C CYS A 103 -16.95 15.91 7.58
N THR A 104 -17.39 17.06 7.05
CA THR A 104 -16.72 18.34 7.27
C THR A 104 -17.56 19.23 8.22
N GLU A 105 -18.27 18.59 9.16
CA GLU A 105 -19.08 19.26 10.19
C GLU A 105 -18.15 19.69 11.34
N GLY A 106 -17.29 20.66 11.04
CA GLY A 106 -16.33 21.17 12.01
C GLY A 106 -15.16 20.23 12.23
N ARG A 107 -14.31 20.58 13.19
CA ARG A 107 -13.09 19.85 13.54
C ARG A 107 -13.41 18.61 14.40
N PRO A 108 -12.79 17.42 14.16
CA PRO A 108 -11.84 17.11 13.09
C PRO A 108 -12.54 16.74 11.80
N LEU A 109 -11.93 17.09 10.66
CA LEU A 109 -12.43 16.70 9.33
C LEU A 109 -12.30 15.18 9.24
N LEU A 110 -13.35 14.49 8.71
CA LEU A 110 -13.34 13.02 8.64
C LEU A 110 -13.42 12.48 7.23
N MET A 111 -12.67 11.38 6.97
CA MET A 111 -12.74 10.62 5.72
C MET A 111 -13.15 9.23 6.12
N VAL A 112 -14.18 8.69 5.48
CA VAL A 112 -14.77 7.39 5.82
C VAL A 112 -14.40 6.38 4.72
N PHE A 113 -13.83 5.25 5.14
CA PHE A 113 -13.38 4.19 4.24
C PHE A 113 -13.99 2.88 4.71
N GLU A 114 -13.93 1.83 3.86
CA GLU A 114 -14.38 0.51 4.30
C GLU A 114 -13.39 0.01 5.37
N TYR A 115 -13.86 -0.84 6.27
CA TYR A 115 -13.01 -1.40 7.32
C TYR A 115 -12.43 -2.73 6.79
N MET A 116 -11.10 -2.85 6.80
CA MET A 116 -10.37 -4.00 6.29
C MET A 116 -9.98 -4.82 7.52
N ARG A 117 -10.77 -5.87 7.80
CA ARG A 117 -10.69 -6.61 9.06
C ARG A 117 -9.33 -7.24 9.41
N HIS A 118 -8.46 -7.54 8.44
CA HIS A 118 -7.17 -8.13 8.77
C HIS A 118 -6.03 -7.10 8.86
N GLY A 119 -6.33 -5.81 8.78
CA GLY A 119 -5.34 -4.74 8.91
C GLY A 119 -4.36 -4.65 7.76
N ASP A 120 -3.24 -3.97 7.97
CA ASP A 120 -2.28 -3.78 6.89
C ASP A 120 -1.61 -5.11 6.51
N LEU A 121 -1.24 -5.21 5.23
CA LEU A 121 -0.62 -6.39 4.68
C LEU A 121 0.73 -6.75 5.35
N ASN A 122 1.49 -5.78 5.84
CA ASN A 122 2.74 -6.12 6.53
C ASN A 122 2.46 -6.91 7.81
N ARG A 123 1.54 -6.38 8.64
CA ARG A 123 1.09 -7.02 9.89
C ARG A 123 0.49 -8.40 9.61
N PHE A 124 -0.36 -8.50 8.55
CA PHE A 124 -0.99 -9.73 8.12
C PHE A 124 0.08 -10.78 7.76
N LEU A 125 1.05 -10.40 6.91
CA LEU A 125 2.14 -11.34 6.50
C LEU A 125 2.94 -11.87 7.69
N ARG A 126 3.37 -10.97 8.57
CA ARG A 126 4.15 -11.29 9.78
C ARG A 126 3.40 -12.22 10.73
N SER A 127 2.07 -12.03 10.88
CA SER A 127 1.21 -12.84 11.75
C SER A 127 0.80 -14.17 11.12
N HIS A 128 0.94 -14.30 9.79
CA HIS A 128 0.59 -15.50 9.03
C HIS A 128 1.82 -16.13 8.43
N GLY A 129 2.96 -15.89 9.08
CA GLY A 129 4.26 -16.40 8.68
C GLY A 129 4.90 -17.33 9.69
N PRO A 130 6.12 -17.83 9.38
CA PRO A 130 6.80 -18.74 10.32
C PRO A 130 7.10 -18.17 11.71
N ASP A 131 7.22 -16.82 11.86
CA ASP A 131 7.50 -16.20 13.15
C ASP A 131 6.23 -15.93 13.97
N GLY A 144 -1.92 -21.03 10.65
CA GLY A 144 -0.62 -21.47 10.17
C GLY A 144 -0.02 -20.55 9.13
N PRO A 145 1.18 -20.87 8.57
CA PRO A 145 1.77 -19.98 7.56
C PRO A 145 1.07 -20.08 6.21
N LEU A 146 0.91 -18.92 5.51
CA LEU A 146 0.31 -18.86 4.17
C LEU A 146 1.12 -19.74 3.21
N GLY A 147 0.44 -20.48 2.35
CA GLY A 147 1.08 -21.32 1.36
C GLY A 147 1.39 -20.56 0.08
N LEU A 148 2.10 -21.21 -0.87
CA LEU A 148 2.51 -20.57 -2.13
C LEU A 148 1.35 -19.98 -2.93
N GLY A 149 0.25 -20.73 -3.05
CA GLY A 149 -0.93 -20.28 -3.78
C GLY A 149 -1.51 -19.02 -3.18
N GLN A 150 -1.59 -18.96 -1.83
CA GLN A 150 -2.08 -17.77 -1.14
C GLN A 150 -1.11 -16.58 -1.35
N LEU A 151 0.23 -16.81 -1.33
CA LEU A 151 1.22 -15.73 -1.51
C LEU A 151 1.12 -15.15 -2.93
N LEU A 152 0.89 -16.01 -3.91
CA LEU A 152 0.70 -15.58 -5.31
C LEU A 152 -0.58 -14.79 -5.52
N ALA A 153 -1.66 -15.16 -4.81
CA ALA A 153 -2.96 -14.44 -4.85
C ALA A 153 -2.76 -13.03 -4.25
N VAL A 154 -2.02 -12.92 -3.14
CA VAL A 154 -1.76 -11.62 -2.51
C VAL A 154 -1.01 -10.75 -3.52
N ALA A 155 0.09 -11.29 -4.11
CA ALA A 155 0.91 -10.56 -5.10
C ALA A 155 0.12 -10.12 -6.30
N SER A 156 -0.72 -11.01 -6.83
CA SER A 156 -1.53 -10.71 -8.02
C SER A 156 -2.53 -9.59 -7.79
N GLN A 157 -3.15 -9.57 -6.60
CA GLN A 157 -4.11 -8.53 -6.23
C GLN A 157 -3.45 -7.16 -6.07
N VAL A 158 -2.27 -7.11 -5.42
CA VAL A 158 -1.51 -5.86 -5.27
C VAL A 158 -1.16 -5.40 -6.69
N ALA A 159 -0.68 -6.31 -7.58
CA ALA A 159 -0.36 -5.94 -8.96
C ALA A 159 -1.57 -5.37 -9.69
N ALA A 160 -2.78 -5.99 -9.53
CA ALA A 160 -4.02 -5.52 -10.15
C ALA A 160 -4.36 -4.07 -9.74
N GLY A 161 -4.25 -3.74 -8.44
CA GLY A 161 -4.45 -2.36 -7.99
C GLY A 161 -3.46 -1.39 -8.65
N MET A 162 -2.17 -1.82 -8.82
CA MET A 162 -1.14 -0.98 -9.45
C MET A 162 -1.36 -0.78 -10.95
N VAL A 163 -1.91 -1.80 -11.64
CA VAL A 163 -2.28 -1.69 -13.07
C VAL A 163 -3.31 -0.59 -13.23
N TYR A 164 -4.33 -0.60 -12.33
CA TYR A 164 -5.37 0.44 -12.32
C TYR A 164 -4.76 1.84 -12.12
N LEU A 165 -3.90 2.02 -11.09
CA LEU A 165 -3.24 3.31 -10.84
C LEU A 165 -2.38 3.75 -12.02
N ALA A 166 -1.54 2.84 -12.59
CA ALA A 166 -0.72 3.17 -13.78
C ALA A 166 -1.58 3.62 -14.98
N GLY A 167 -2.72 2.95 -15.19
CA GLY A 167 -3.67 3.30 -16.24
C GLY A 167 -4.22 4.72 -16.13
N LEU A 168 -4.17 5.32 -14.90
CA LEU A 168 -4.59 6.71 -14.64
C LEU A 168 -3.39 7.68 -14.58
N HIS A 169 -2.17 7.17 -14.79
CA HIS A 169 -0.89 7.92 -14.68
C HIS A 169 -0.72 8.39 -13.23
N PHE A 170 -1.25 7.62 -12.29
CA PHE A 170 -1.15 7.89 -10.86
C PHE A 170 0.12 7.19 -10.34
N VAL A 171 1.00 7.98 -9.71
CA VAL A 171 2.25 7.52 -9.11
C VAL A 171 2.02 7.42 -7.61
N HIS A 172 2.11 6.22 -7.06
CA HIS A 172 1.85 5.96 -5.64
C HIS A 172 2.89 6.66 -4.73
N ARG A 173 4.21 6.51 -5.04
CA ARG A 173 5.35 7.12 -4.30
C ARG A 173 5.73 6.34 -3.04
N ASP A 174 4.82 5.52 -2.48
CA ASP A 174 5.12 4.78 -1.23
C ASP A 174 4.50 3.39 -1.21
N LEU A 175 4.68 2.68 -2.32
CA LEU A 175 4.13 1.35 -2.39
C LEU A 175 4.97 0.42 -1.52
N ALA A 176 4.29 -0.30 -0.62
CA ALA A 176 4.91 -1.23 0.32
C ALA A 176 3.75 -2.03 0.96
N THR A 177 4.06 -3.18 1.58
CA THR A 177 2.96 -3.96 2.20
C THR A 177 2.24 -3.18 3.33
N ARG A 178 2.96 -2.32 4.07
CA ARG A 178 2.32 -1.51 5.12
C ARG A 178 1.19 -0.58 4.51
N ASN A 179 1.28 -0.26 3.19
CA ASN A 179 0.32 0.61 2.51
C ASN A 179 -0.69 -0.18 1.66
N CYS A 180 -0.91 -1.44 2.04
CA CYS A 180 -1.94 -2.32 1.50
C CYS A 180 -2.76 -2.80 2.69
N LEU A 181 -4.01 -3.11 2.46
CA LEU A 181 -4.92 -3.57 3.51
C LEU A 181 -5.52 -4.91 3.15
N VAL A 182 -5.86 -5.70 4.16
CA VAL A 182 -6.39 -7.05 3.93
C VAL A 182 -7.77 -7.13 4.57
N GLY A 183 -8.75 -7.54 3.78
CA GLY A 183 -10.12 -7.68 4.24
C GLY A 183 -10.49 -9.15 4.35
N GLN A 184 -11.79 -9.42 4.41
CA GLN A 184 -12.39 -10.75 4.51
C GLN A 184 -12.15 -11.59 3.24
N GLY A 185 -11.75 -12.85 3.44
CA GLY A 185 -11.51 -13.80 2.36
C GLY A 185 -10.23 -13.59 1.58
N LEU A 186 -9.14 -13.16 2.25
CA LEU A 186 -7.83 -12.89 1.64
C LEU A 186 -7.93 -11.78 0.54
N VAL A 187 -8.91 -10.84 0.66
CA VAL A 187 -9.03 -9.75 -0.33
C VAL A 187 -7.96 -8.71 0.00
N VAL A 188 -7.10 -8.39 -0.95
CA VAL A 188 -6.02 -7.44 -0.70
C VAL A 188 -6.26 -6.22 -1.56
N LYS A 189 -6.13 -5.03 -0.96
CA LYS A 189 -6.34 -3.80 -1.71
C LYS A 189 -5.25 -2.79 -1.35
N ILE A 190 -4.98 -1.87 -2.27
CA ILE A 190 -4.03 -0.80 -2.02
C ILE A 190 -4.80 0.34 -1.32
N GLY A 191 -4.23 0.81 -0.21
CA GLY A 191 -4.82 1.94 0.52
C GLY A 191 -4.17 2.08 1.87
N ASP A 192 -4.13 3.33 2.38
CA ASP A 192 -3.56 3.61 3.70
C ASP A 192 -4.25 4.83 4.33
N PHE A 193 -4.10 5.02 5.63
CA PHE A 193 -4.77 6.13 6.31
C PHE A 193 -3.84 7.33 6.57
N GLY A 194 -2.78 7.41 5.78
CA GLY A 194 -1.79 8.49 5.80
C GLY A 194 -0.95 8.60 7.06
N MET A 195 -0.81 7.49 7.81
N MET A 195 -0.75 7.50 7.77
CA MET A 195 -0.07 7.48 9.07
CA MET A 195 0.01 7.50 9.02
C MET A 195 1.16 6.53 9.09
C MET A 195 1.21 6.58 9.06
N SER A 196 1.55 5.97 7.91
CA SER A 196 2.67 5.03 7.85
C SER A 196 4.03 5.62 8.27
N ARG A 197 4.27 6.91 8.04
CA ARG A 197 5.48 7.61 8.46
C ARG A 197 5.58 7.73 9.99
N ASP A 198 4.46 7.51 10.70
CA ASP A 198 4.39 7.51 12.17
C ASP A 198 4.41 6.07 12.72
N ILE A 199 3.48 5.21 12.26
CA ILE A 199 3.32 3.80 12.69
C ILE A 199 4.55 2.95 12.28
N TYR A 200 5.07 3.18 11.07
CA TYR A 200 6.22 2.45 10.53
C TYR A 200 7.37 3.42 10.27
N SER A 201 7.69 4.32 11.25
CA SER A 201 8.74 5.31 11.09
C SER A 201 10.10 4.69 10.74
N THR A 202 10.32 3.43 11.15
CA THR A 202 11.54 2.66 10.88
C THR A 202 11.71 2.32 9.39
N ASP A 203 10.60 2.46 8.61
CA ASP A 203 10.65 2.17 7.18
C ASP A 203 11.03 3.39 6.35
N TYR A 204 11.34 4.50 7.03
CA TYR A 204 11.67 5.77 6.36
C TYR A 204 12.95 6.36 6.93
N TYR A 205 13.58 7.20 6.15
CA TYR A 205 14.81 7.88 6.51
C TYR A 205 14.78 9.34 6.09
N ARG A 206 15.22 10.25 6.98
CA ARG A 206 15.30 11.69 6.73
C ARG A 206 16.71 12.12 6.35
N THR A 211 12.98 15.45 4.28
CA THR A 211 11.70 14.73 4.37
C THR A 211 11.91 13.20 4.51
N MET A 212 10.97 12.51 5.19
CA MET A 212 10.99 11.05 5.43
C MET A 212 10.72 10.27 4.13
N LEU A 213 11.77 9.63 3.59
CA LEU A 213 11.69 8.84 2.35
C LEU A 213 11.80 7.34 2.56
N PRO A 214 10.92 6.52 1.89
CA PRO A 214 10.95 5.05 2.11
C PRO A 214 12.11 4.39 1.31
N ILE A 215 13.36 4.71 1.70
CA ILE A 215 14.57 4.37 0.95
C ILE A 215 14.71 2.88 0.60
N ARG A 216 14.32 1.92 1.48
CA ARG A 216 14.52 0.52 1.12
C ARG A 216 13.64 0.06 -0.05
N TRP A 217 12.55 0.79 -0.31
CA TRP A 217 11.60 0.49 -1.37
C TRP A 217 11.88 1.26 -2.67
N MET A 218 12.86 2.20 -2.63
CA MET A 218 13.11 3.11 -3.74
C MET A 218 14.21 2.70 -4.72
N PRO A 219 14.02 2.99 -6.03
CA PRO A 219 15.10 2.73 -7.00
C PRO A 219 16.21 3.79 -6.92
N PRO A 220 17.39 3.57 -7.54
CA PRO A 220 18.47 4.58 -7.42
C PRO A 220 18.11 5.99 -7.89
N GLU A 221 17.34 6.17 -8.99
CA GLU A 221 17.00 7.52 -9.48
C GLU A 221 16.09 8.29 -8.49
N SER A 222 15.26 7.60 -7.69
CA SER A 222 14.40 8.23 -6.70
C SER A 222 15.20 8.65 -5.47
N ILE A 223 16.17 7.83 -5.02
CA ILE A 223 17.03 8.18 -3.87
C ILE A 223 17.92 9.40 -4.26
N LEU A 224 18.53 9.35 -5.45
CA LEU A 224 19.43 10.38 -5.99
C LEU A 224 18.72 11.69 -6.38
N TYR A 225 17.64 11.60 -7.18
CA TYR A 225 16.99 12.79 -7.74
C TYR A 225 15.64 13.10 -7.13
N ARG A 226 15.18 12.25 -6.18
CA ARG A 226 13.89 12.41 -5.49
C ARG A 226 12.74 12.58 -6.48
N LYS A 227 12.81 11.80 -7.57
CA LYS A 227 11.88 11.75 -8.70
C LYS A 227 11.08 10.43 -8.63
N PHE A 228 9.74 10.53 -8.57
CA PHE A 228 8.87 9.36 -8.51
C PHE A 228 8.05 9.25 -9.79
N THR A 229 8.05 8.06 -10.40
CA THR A 229 7.35 7.76 -11.65
C THR A 229 6.66 6.39 -11.57
N THR A 230 5.92 6.01 -12.62
CA THR A 230 5.31 4.67 -12.68
C THR A 230 6.44 3.64 -12.68
N GLU A 231 7.63 4.01 -13.21
CA GLU A 231 8.81 3.12 -13.25
C GLU A 231 9.38 2.91 -11.84
N SER A 232 9.36 3.98 -11.00
CA SER A 232 9.81 3.83 -9.60
C SER A 232 8.77 3.05 -8.83
N ASP A 233 7.45 3.16 -9.19
CA ASP A 233 6.41 2.33 -8.56
C ASP A 233 6.59 0.86 -8.88
N VAL A 234 7.03 0.53 -10.13
CA VAL A 234 7.32 -0.84 -10.55
C VAL A 234 8.44 -1.43 -9.71
N TRP A 235 9.50 -0.63 -9.46
CA TRP A 235 10.64 -1.05 -8.63
C TRP A 235 10.14 -1.41 -7.25
N SER A 236 9.32 -0.50 -6.63
CA SER A 236 8.79 -0.74 -5.27
C SER A 236 7.88 -1.99 -5.28
N PHE A 237 7.21 -2.25 -6.41
CA PHE A 237 6.40 -3.46 -6.51
C PHE A 237 7.28 -4.71 -6.38
N GLY A 238 8.46 -4.71 -7.01
CA GLY A 238 9.41 -5.82 -6.91
C GLY A 238 9.83 -6.00 -5.45
N VAL A 239 9.98 -4.88 -4.74
CA VAL A 239 10.31 -4.90 -3.31
C VAL A 239 9.10 -5.49 -2.50
N VAL A 240 7.86 -5.15 -2.90
CA VAL A 240 6.64 -5.69 -2.27
C VAL A 240 6.60 -7.21 -2.46
N LEU A 241 6.97 -7.67 -3.65
CA LEU A 241 7.04 -9.12 -3.91
C LEU A 241 7.99 -9.76 -2.94
N TRP A 242 9.18 -9.16 -2.75
CA TRP A 242 10.19 -9.65 -1.79
C TRP A 242 9.57 -9.64 -0.37
N GLU A 243 8.83 -8.57 0.02
CA GLU A 243 8.20 -8.57 1.36
C GLU A 243 7.21 -9.72 1.47
N ILE A 244 6.37 -9.91 0.44
CA ILE A 244 5.37 -10.96 0.44
C ILE A 244 6.02 -12.35 0.68
N PHE A 245 7.07 -12.68 -0.08
CA PHE A 245 7.73 -13.99 0.02
C PHE A 245 8.73 -14.13 1.19
N THR A 246 8.91 -13.09 2.01
CA THR A 246 9.70 -13.19 3.23
C THR A 246 8.75 -13.03 4.42
N TYR A 247 7.43 -13.06 4.15
CA TYR A 247 6.38 -12.88 5.15
C TYR A 247 6.54 -11.56 5.94
N GLY A 248 6.77 -10.48 5.20
CA GLY A 248 6.83 -9.13 5.76
C GLY A 248 8.13 -8.61 6.36
N LYS A 249 9.28 -9.30 6.11
CA LYS A 249 10.58 -8.84 6.61
C LYS A 249 10.95 -7.52 5.94
N GLN A 250 11.70 -6.67 6.65
CA GLN A 250 12.12 -5.40 6.08
C GLN A 250 13.24 -5.65 5.02
N PRO A 251 13.14 -5.06 3.79
CA PRO A 251 14.22 -5.24 2.81
C PRO A 251 15.55 -4.71 3.37
N TRP A 252 16.66 -5.43 3.11
CA TRP A 252 18.01 -5.08 3.61
C TRP A 252 18.00 -5.01 5.15
N TYR A 253 17.21 -5.89 5.83
CA TYR A 253 17.07 -5.84 7.29
C TYR A 253 18.41 -5.86 8.07
N GLN A 254 19.47 -6.44 7.51
CA GLN A 254 20.77 -6.52 8.19
C GLN A 254 21.52 -5.17 8.18
N LEU A 255 21.05 -4.22 7.36
CA LEU A 255 21.73 -2.95 7.14
C LEU A 255 21.02 -1.74 7.68
N SER A 256 21.82 -0.69 7.99
CA SER A 256 21.29 0.58 8.44
C SER A 256 20.84 1.32 7.18
N ASN A 257 20.09 2.41 7.35
CA ASN A 257 19.57 3.25 6.26
C ASN A 257 20.63 3.73 5.31
N THR A 258 21.75 4.29 5.82
CA THR A 258 22.86 4.75 4.95
C THR A 258 23.52 3.57 4.21
N GLU A 259 23.65 2.40 4.89
CA GLU A 259 24.21 1.22 4.25
C GLU A 259 23.29 0.72 3.12
N ALA A 260 21.96 0.73 3.35
CA ALA A 260 20.97 0.29 2.34
C ALA A 260 21.02 1.22 1.10
N ILE A 261 21.12 2.56 1.31
CA ILE A 261 21.28 3.56 0.23
C ILE A 261 22.49 3.16 -0.64
N ASP A 262 23.62 2.78 0.00
CA ASP A 262 24.83 2.34 -0.70
C ASP A 262 24.61 1.12 -1.57
N CYS A 263 23.99 0.05 -1.02
CA CYS A 263 23.70 -1.18 -1.78
C CYS A 263 22.85 -0.87 -3.01
N ILE A 264 21.77 -0.10 -2.83
CA ILE A 264 20.86 0.28 -3.93
C ILE A 264 21.58 1.15 -4.96
N THR A 265 22.31 2.21 -4.52
CA THR A 265 22.99 3.07 -5.50
C THR A 265 24.12 2.32 -6.24
N GLN A 266 24.75 1.31 -5.57
CA GLN A 266 25.81 0.50 -6.18
C GLN A 266 25.29 -0.63 -7.06
N GLY A 267 24.00 -0.91 -7.00
CA GLY A 267 23.38 -1.94 -7.84
C GLY A 267 23.32 -3.33 -7.25
N ARG A 268 23.40 -3.45 -5.91
CA ARG A 268 23.28 -4.75 -5.22
C ARG A 268 21.81 -5.17 -5.23
N GLU A 269 21.52 -6.46 -5.38
CA GLU A 269 20.14 -6.94 -5.45
C GLU A 269 19.78 -7.72 -4.22
N LEU A 270 18.51 -7.61 -3.78
CA LEU A 270 17.96 -8.42 -2.69
C LEU A 270 18.02 -9.90 -3.13
N GLU A 271 18.40 -10.79 -2.22
CA GLU A 271 18.51 -12.21 -2.52
C GLU A 271 17.11 -12.86 -2.64
N ARG A 272 17.01 -13.96 -3.38
CA ARG A 272 15.77 -14.70 -3.56
C ARG A 272 15.32 -15.27 -2.21
N PRO A 273 14.11 -14.92 -1.72
CA PRO A 273 13.63 -15.53 -0.45
C PRO A 273 13.42 -17.05 -0.63
N ARG A 274 13.54 -17.80 0.46
CA ARG A 274 13.37 -19.27 0.48
C ARG A 274 11.98 -19.69 -0.02
N ALA A 275 10.92 -18.95 0.38
CA ALA A 275 9.54 -19.27 -0.02
C ALA A 275 9.27 -18.88 -1.46
N CYS A 276 10.21 -18.14 -2.10
CA CYS A 276 10.07 -17.61 -3.46
C CYS A 276 10.54 -18.57 -4.52
N PRO A 277 9.64 -19.03 -5.41
CA PRO A 277 10.11 -19.88 -6.52
C PRO A 277 11.01 -19.07 -7.49
N PRO A 278 11.93 -19.73 -8.21
CA PRO A 278 12.74 -19.01 -9.21
C PRO A 278 11.88 -18.20 -10.20
N GLU A 279 10.70 -18.71 -10.58
CA GLU A 279 9.74 -18.07 -11.49
C GLU A 279 9.31 -16.68 -10.98
N VAL A 280 9.02 -16.55 -9.67
CA VAL A 280 8.66 -15.22 -9.10
C VAL A 280 9.89 -14.33 -8.96
N TYR A 281 11.06 -14.94 -8.64
CA TYR A 281 12.30 -14.16 -8.53
C TYR A 281 12.68 -13.51 -9.84
N ALA A 282 12.45 -14.22 -10.98
CA ALA A 282 12.70 -13.63 -12.30
C ALA A 282 11.83 -12.36 -12.49
N ILE A 283 10.55 -12.37 -12.01
CA ILE A 283 9.62 -11.23 -12.05
C ILE A 283 10.17 -10.04 -11.24
N MET A 284 10.62 -10.28 -9.99
CA MET A 284 11.24 -9.26 -9.12
C MET A 284 12.43 -8.60 -9.83
N ARG A 285 13.31 -9.42 -10.42
CA ARG A 285 14.50 -8.96 -11.15
C ARG A 285 14.14 -8.07 -12.34
N GLY A 286 13.00 -8.35 -12.97
CA GLY A 286 12.41 -7.55 -14.04
C GLY A 286 11.98 -6.19 -13.54
N CYS A 287 11.46 -6.11 -12.29
CA CYS A 287 11.06 -4.82 -11.69
C CYS A 287 12.29 -4.00 -11.30
N TRP A 288 13.44 -4.67 -11.07
CA TRP A 288 14.65 -4.05 -10.54
C TRP A 288 15.75 -3.74 -11.53
N GLN A 289 15.43 -3.57 -12.82
CA GLN A 289 16.43 -3.14 -13.80
C GLN A 289 16.92 -1.74 -13.39
N ARG A 290 18.26 -1.50 -13.38
CA ARG A 290 18.79 -0.19 -12.98
C ARG A 290 18.17 0.94 -13.79
N GLU A 291 18.11 0.77 -15.12
CA GLU A 291 17.52 1.78 -16.00
C GLU A 291 16.00 1.68 -15.90
N PRO A 292 15.33 2.80 -15.49
CA PRO A 292 13.85 2.79 -15.40
C PRO A 292 13.17 2.33 -16.70
N GLN A 293 13.74 2.69 -17.88
CA GLN A 293 13.18 2.28 -19.18
C GLN A 293 13.34 0.78 -19.47
N GLN A 294 14.18 0.07 -18.70
CA GLN A 294 14.33 -1.37 -18.91
C GLN A 294 13.45 -2.22 -17.98
N ARG A 295 12.73 -1.58 -17.03
CA ARG A 295 11.84 -2.34 -16.12
C ARG A 295 10.56 -2.79 -16.84
N HIS A 296 10.02 -3.97 -16.45
CA HIS A 296 8.75 -4.45 -17.00
C HIS A 296 7.65 -3.46 -16.67
N SER A 297 6.60 -3.41 -17.48
CA SER A 297 5.44 -2.58 -17.17
C SER A 297 4.68 -3.37 -16.09
N ILE A 298 3.91 -2.68 -15.25
CA ILE A 298 3.11 -3.34 -14.23
C ILE A 298 2.04 -4.25 -14.86
N LYS A 299 1.51 -3.88 -16.03
CA LYS A 299 0.50 -4.68 -16.73
C LYS A 299 1.07 -6.07 -17.08
N ASP A 300 2.34 -6.09 -17.51
CA ASP A 300 3.05 -7.32 -17.84
C ASP A 300 3.38 -8.12 -16.56
N VAL A 301 3.81 -7.43 -15.49
CA VAL A 301 4.08 -8.07 -14.19
C VAL A 301 2.79 -8.75 -13.66
N HIS A 302 1.66 -8.03 -13.75
CA HIS A 302 0.36 -8.57 -13.35
C HIS A 302 -0.03 -9.80 -14.17
N ALA A 303 0.05 -9.71 -15.51
CA ALA A 303 -0.24 -10.83 -16.40
C ALA A 303 0.60 -12.07 -15.97
N ARG A 304 1.91 -11.90 -15.68
CA ARG A 304 2.75 -13.03 -15.25
C ARG A 304 2.32 -13.63 -13.90
N LEU A 305 2.05 -12.76 -12.91
CA LEU A 305 1.64 -13.21 -11.57
C LEU A 305 0.25 -13.86 -11.59
N GLN A 306 -0.66 -13.36 -12.46
CA GLN A 306 -2.02 -13.91 -12.59
C GLN A 306 -1.95 -15.35 -13.13
N ALA A 307 -1.11 -15.58 -14.17
CA ALA A 307 -0.87 -16.91 -14.74
C ALA A 307 -0.32 -17.87 -13.68
N LEU A 308 0.64 -17.42 -12.84
CA LEU A 308 1.19 -18.26 -11.78
C LEU A 308 0.18 -18.49 -10.63
N ALA A 309 -0.71 -17.51 -10.33
CA ALA A 309 -1.67 -17.69 -9.23
C ALA A 309 -2.70 -18.80 -9.57
N GLN A 310 -3.15 -18.87 -10.85
CA GLN A 310 -4.13 -19.86 -11.31
C GLN A 310 -3.51 -21.26 -11.51
N ALA A 311 -2.20 -21.33 -11.83
CA ALA A 311 -1.41 -22.56 -12.04
C ALA A 311 -0.07 -22.43 -11.25
N PRO A 312 -0.07 -22.56 -9.90
CA PRO A 312 1.18 -22.34 -9.15
C PRO A 312 2.33 -23.28 -9.52
N PRO A 313 3.59 -22.80 -9.63
CA PRO A 313 4.68 -23.74 -9.93
C PRO A 313 4.85 -24.72 -8.77
N VAL A 314 5.27 -25.95 -9.08
CA VAL A 314 5.48 -26.94 -8.01
C VAL A 314 6.83 -26.62 -7.39
N TYR A 315 6.80 -25.81 -6.32
CA TYR A 315 7.99 -25.38 -5.64
C TYR A 315 7.81 -25.58 -4.14
N LEU A 316 8.69 -26.36 -3.54
CA LEU A 316 8.67 -26.62 -2.10
C LEU A 316 9.81 -25.82 -1.50
N ASP A 317 9.48 -24.81 -0.68
CA ASP A 317 10.47 -23.91 -0.07
C ASP A 317 11.60 -24.63 0.70
N VAL A 318 11.31 -25.81 1.27
CA VAL A 318 12.22 -26.69 2.02
C VAL A 318 13.35 -27.21 1.11
N LEU A 319 13.03 -27.51 -0.17
CA LEU A 319 14.01 -27.99 -1.13
C LEU A 319 14.86 -26.85 -1.71
N GLY A 320 14.45 -25.60 -1.45
CA GLY A 320 15.13 -24.40 -1.92
C GLY A 320 15.05 -24.20 -3.41
#